data_3IV1
#
_entry.id   3IV1
#
_cell.length_a   56.290
_cell.length_b   56.290
_cell.length_c   341.850
_cell.angle_alpha   90.00
_cell.angle_beta   90.00
_cell.angle_gamma   120.00
#
_symmetry.space_group_name_H-M   'P 32 2 1'
#
loop_
_entity.id
_entity.type
_entity.pdbx_description
1 polymer 'Tumor susceptibility gene 101 protein'
2 non-polymer 'SULFATE ION'
3 non-polymer 'CHLORIDE ION'
4 water water
#
_entity_poly.entity_id   1
_entity_poly.type   'polypeptide(L)'
_entity_poly.pdbx_seq_one_letter_code
;GSSLISAVSDKLRWR(MSE)KEE(MSE)DRAQAELNALKRTEEDLKKGHQKLEE(MSE)VTRLDQEVAEVDKNIELLKKK
DEELSSALEK
;
_entity_poly.pdbx_strand_id   A,B,C,D,E,F,G,H
#
# COMPACT_ATOMS: atom_id res chain seq x y z
N GLY A 1 -43.02 29.61 12.32
CA GLY A 1 -43.41 29.20 10.98
C GLY A 1 -42.26 28.65 10.15
N SER A 2 -41.05 29.27 10.24
CA SER A 2 -39.91 28.81 9.45
C SER A 2 -39.30 27.51 9.96
N SER A 3 -39.17 26.52 9.06
CA SER A 3 -38.66 25.19 9.33
C SER A 3 -37.30 24.90 8.67
N LEU A 4 -36.51 25.95 8.37
CA LEU A 4 -35.21 25.76 7.71
C LEU A 4 -34.16 25.02 8.57
N ILE A 5 -34.00 25.38 9.86
CA ILE A 5 -33.09 24.71 10.79
C ILE A 5 -33.48 23.24 10.89
N SER A 6 -34.80 22.95 11.07
CA SER A 6 -35.29 21.56 11.20
C SER A 6 -35.04 20.72 9.96
N ALA A 7 -35.28 21.28 8.74
CA ALA A 7 -35.12 20.61 7.44
C ALA A 7 -33.65 20.22 7.21
N VAL A 8 -32.75 21.17 7.46
CA VAL A 8 -31.29 21.01 7.33
C VAL A 8 -30.77 19.95 8.33
N SER A 9 -31.27 19.99 9.56
CA SER A 9 -30.91 19.07 10.63
C SER A 9 -31.43 17.67 10.34
N ASP A 10 -32.69 17.53 9.82
CA ASP A 10 -33.30 16.25 9.42
C ASP A 10 -32.52 15.58 8.27
N LYS A 11 -32.10 16.38 7.25
CA LYS A 11 -31.33 15.93 6.08
C LYS A 11 -30.00 15.30 6.55
N LEU A 12 -29.27 16.04 7.43
CA LEU A 12 -28.00 15.57 7.97
C LEU A 12 -28.17 14.24 8.72
N ARG A 13 -29.23 14.11 9.55
CA ARG A 13 -29.52 12.88 10.30
C ARG A 13 -29.72 11.73 9.33
N TRP A 14 -30.47 11.97 8.23
CA TRP A 14 -30.71 11.04 7.15
C TRP A 14 -29.37 10.64 6.46
N ARG A 15 -28.48 11.63 6.17
CA ARG A 15 -27.18 11.36 5.55
C ARG A 15 -26.27 10.56 6.47
N LYS A 17 -27.09 8.31 8.68
CA LYS A 17 -27.59 6.92 8.60
C LYS A 17 -27.10 6.24 7.31
N GLU A 18 -27.18 6.95 6.15
CA GLU A 18 -26.74 6.49 4.82
C GLU A 18 -25.25 6.16 4.83
N GLU A 19 -24.45 7.03 5.47
CA GLU A 19 -23.00 6.86 5.61
C GLU A 19 -22.64 5.70 6.52
N ASP A 21 -24.40 3.01 6.97
CA ASP A 21 -24.77 1.84 6.17
C ASP A 21 -23.65 1.50 5.17
N ARG A 22 -23.12 2.52 4.45
CA ARG A 22 -22.04 2.36 3.47
C ARG A 22 -20.75 1.93 4.14
N ALA A 23 -20.44 2.48 5.33
CA ALA A 23 -19.24 2.14 6.09
C ALA A 23 -19.30 0.68 6.53
N GLN A 24 -20.50 0.21 6.95
CA GLN A 24 -20.69 -1.19 7.34
C GLN A 24 -20.42 -2.14 6.19
N ALA A 25 -20.94 -1.82 4.98
CA ALA A 25 -20.71 -2.62 3.77
C ALA A 25 -19.21 -2.65 3.43
N GLU A 26 -18.48 -1.49 3.56
CA GLU A 26 -17.04 -1.41 3.31
C GLU A 26 -16.27 -2.29 4.31
N LEU A 27 -16.66 -2.23 5.60
CA LEU A 27 -16.07 -3.04 6.66
C LEU A 27 -16.32 -4.54 6.49
N ASN A 28 -17.51 -4.93 5.98
CA ASN A 28 -17.82 -6.34 5.71
C ASN A 28 -16.90 -6.88 4.60
N ALA A 29 -16.66 -6.08 3.53
CA ALA A 29 -15.78 -6.42 2.41
C ALA A 29 -14.33 -6.50 2.89
N LEU A 30 -13.93 -5.64 3.85
CA LEU A 30 -12.58 -5.64 4.44
C LEU A 30 -12.33 -6.87 5.31
N LYS A 31 -13.37 -7.48 5.88
CA LYS A 31 -13.28 -8.72 6.68
C LYS A 31 -12.90 -9.90 5.77
N ARG A 32 -13.46 -9.93 4.54
CA ARG A 32 -13.15 -10.96 3.55
C ARG A 32 -11.73 -10.80 3.01
N THR A 33 -11.26 -9.53 2.83
CA THR A 33 -9.89 -9.19 2.42
C THR A 33 -8.90 -9.64 3.54
N GLU A 34 -9.26 -9.43 4.82
CA GLU A 34 -8.40 -9.84 5.92
C GLU A 34 -8.29 -11.39 6.03
N GLU A 35 -9.36 -12.10 5.62
CA GLU A 35 -9.37 -13.57 5.55
C GLU A 35 -8.46 -14.06 4.42
N ASP A 36 -8.42 -13.34 3.28
CA ASP A 36 -7.57 -13.69 2.12
C ASP A 36 -6.08 -13.55 2.44
N LEU A 37 -5.74 -12.51 3.21
CA LEU A 37 -4.39 -12.15 3.62
C LEU A 37 -3.82 -13.23 4.52
N LYS A 38 -4.63 -13.71 5.49
CA LYS A 38 -4.34 -14.75 6.46
C LYS A 38 -4.07 -16.06 5.72
N LYS A 39 -5.03 -16.50 4.86
CA LYS A 39 -4.93 -17.70 4.02
C LYS A 39 -3.63 -17.69 3.17
N GLY A 40 -3.35 -16.55 2.54
CA GLY A 40 -2.17 -16.35 1.70
C GLY A 40 -0.87 -16.49 2.47
N HIS A 41 -0.82 -15.90 3.67
CA HIS A 41 0.32 -15.97 4.57
C HIS A 41 0.49 -17.38 5.12
N GLN A 42 -0.62 -18.08 5.39
CA GLN A 42 -0.59 -19.45 5.91
C GLN A 42 -0.02 -20.42 4.89
N LYS A 43 -0.45 -20.29 3.62
CA LYS A 43 0.08 -21.10 2.50
C LYS A 43 1.58 -20.86 2.35
N LEU A 44 2.01 -19.58 2.41
CA LEU A 44 3.42 -19.25 2.31
C LEU A 44 4.24 -19.82 3.46
N GLU A 45 3.72 -19.74 4.70
CA GLU A 45 4.37 -20.26 5.90
C GLU A 45 4.53 -21.79 5.80
N GLU A 46 3.49 -22.50 5.31
CA GLU A 46 3.51 -23.95 5.11
C GLU A 46 4.60 -24.33 4.11
N VAL A 48 7.34 -22.52 3.31
CA VAL A 48 8.61 -22.17 3.97
C VAL A 48 9.08 -23.29 4.94
N THR A 49 8.19 -23.75 5.83
CA THR A 49 8.45 -24.83 6.81
C THR A 49 8.84 -26.13 6.09
N ARG A 50 8.02 -26.54 5.10
CA ARG A 50 8.20 -27.73 4.26
C ARG A 50 9.61 -27.74 3.61
N LEU A 51 9.96 -26.65 2.90
CA LEU A 51 11.23 -26.46 2.19
C LEU A 51 12.41 -26.39 3.12
N ASP A 52 12.25 -25.75 4.29
CA ASP A 52 13.30 -25.69 5.30
C ASP A 52 13.63 -27.13 5.79
N GLN A 53 12.57 -27.95 6.02
CA GLN A 53 12.70 -29.34 6.42
C GLN A 53 13.30 -30.19 5.28
N GLU A 54 12.91 -29.91 4.02
CA GLU A 54 13.41 -30.62 2.83
C GLU A 54 14.90 -30.37 2.64
N VAL A 55 15.39 -29.12 2.89
CA VAL A 55 16.82 -28.83 2.83
C VAL A 55 17.60 -29.64 3.92
N ALA A 56 17.10 -29.66 5.18
CA ALA A 56 17.66 -30.42 6.31
C ALA A 56 17.70 -31.92 6.01
N GLU A 57 16.66 -32.45 5.36
CA GLU A 57 16.55 -33.87 4.98
C GLU A 57 17.64 -34.27 3.97
N VAL A 58 17.88 -33.43 2.95
CA VAL A 58 18.90 -33.61 1.93
C VAL A 58 20.29 -33.54 2.59
N ASP A 59 20.52 -32.51 3.45
CA ASP A 59 21.76 -32.40 4.25
C ASP A 59 22.06 -33.72 4.98
N LYS A 60 21.06 -34.30 5.68
CA LYS A 60 21.19 -35.59 6.40
C LYS A 60 21.44 -36.75 5.44
N ASN A 61 20.70 -36.81 4.30
CA ASN A 61 20.89 -37.83 3.27
C ASN A 61 22.33 -37.87 2.78
N ILE A 62 22.88 -36.71 2.38
CA ILE A 62 24.24 -36.63 1.91
C ILE A 62 25.25 -36.99 3.01
N GLU A 63 25.00 -36.55 4.26
CA GLU A 63 25.85 -36.89 5.39
C GLU A 63 25.90 -38.41 5.59
N LEU A 64 24.74 -39.10 5.42
CA LEU A 64 24.67 -40.57 5.54
C LEU A 64 25.42 -41.28 4.41
N LEU A 65 25.33 -40.74 3.18
CA LEU A 65 26.03 -41.28 2.01
C LEU A 65 27.54 -41.07 2.12
N LYS A 66 27.96 -39.96 2.73
CA LYS A 66 29.38 -39.67 2.95
C LYS A 66 29.95 -40.66 3.98
N LYS A 67 29.23 -40.86 5.10
CA LYS A 67 29.62 -41.79 6.15
C LYS A 67 29.83 -43.18 5.53
N LYS A 68 28.90 -43.57 4.63
CA LYS A 68 28.95 -44.85 3.90
C LYS A 68 30.21 -44.96 3.05
N ASP A 69 30.61 -43.83 2.41
CA ASP A 69 31.81 -43.74 1.58
C ASP A 69 33.07 -43.83 2.40
N GLU A 70 33.05 -43.30 3.63
CA GLU A 70 34.20 -43.38 4.55
C GLU A 70 34.45 -44.85 4.93
N GLU A 71 33.36 -45.62 5.10
CA GLU A 71 33.34 -47.05 5.43
C GLU A 71 33.91 -47.86 4.28
N LEU A 72 33.57 -47.46 3.03
CA LEU A 72 34.03 -48.05 1.77
C LEU A 72 35.54 -47.78 1.60
N SER A 73 35.96 -46.51 1.81
CA SER A 73 37.34 -46.06 1.66
C SER A 73 38.32 -46.79 2.57
N SER A 74 37.86 -47.20 3.77
CA SER A 74 38.67 -47.94 4.72
C SER A 74 39.06 -49.35 4.18
N ALA A 75 38.35 -49.85 3.15
CA ALA A 75 38.63 -51.12 2.51
C ALA A 75 39.68 -50.97 1.36
N LEU A 76 40.00 -49.74 0.94
CA LEU A 76 41.00 -49.46 -0.11
C LEU A 76 42.46 -49.67 0.37
N GLU A 77 43.38 -49.96 -0.57
CA GLU A 77 44.80 -50.15 -0.27
C GLU A 77 45.43 -48.80 0.07
N LYS A 78 46.12 -48.72 1.24
CA LYS A 78 46.74 -47.48 1.73
C LYS A 78 48.13 -47.72 2.33
N GLY B 1 38.89 -36.07 -7.27
CA GLY B 1 39.28 -35.17 -8.34
C GLY B 1 38.95 -33.73 -8.03
N SER B 2 38.20 -33.07 -8.93
CA SER B 2 37.76 -31.69 -8.78
C SER B 2 36.43 -31.65 -8.00
N SER B 3 36.33 -30.73 -7.01
CA SER B 3 35.14 -30.61 -6.17
C SER B 3 34.35 -29.28 -6.40
N LEU B 4 34.49 -28.67 -7.59
CA LEU B 4 33.80 -27.41 -7.90
C LEU B 4 32.25 -27.56 -7.96
N ILE B 5 31.70 -28.59 -8.62
CA ILE B 5 30.25 -28.85 -8.66
C ILE B 5 29.72 -29.03 -7.24
N SER B 6 30.42 -29.83 -6.41
CA SER B 6 29.98 -30.08 -5.03
C SER B 6 29.99 -28.82 -4.14
N ALA B 7 31.04 -27.98 -4.27
CA ALA B 7 31.21 -26.73 -3.52
C ALA B 7 30.08 -25.73 -3.84
N VAL B 8 29.79 -25.56 -5.13
CA VAL B 8 28.74 -24.69 -5.65
C VAL B 8 27.35 -25.19 -5.19
N SER B 9 27.14 -26.51 -5.22
CA SER B 9 25.89 -27.15 -4.81
C SER B 9 25.70 -27.03 -3.28
N ASP B 10 26.78 -27.21 -2.48
CA ASP B 10 26.79 -27.05 -1.02
C ASP B 10 26.44 -25.60 -0.60
N LYS B 11 27.02 -24.62 -1.33
CA LYS B 11 26.85 -23.19 -1.09
C LYS B 11 25.37 -22.80 -1.28
N LEU B 12 24.74 -23.28 -2.38
CA LEU B 12 23.33 -23.04 -2.67
C LEU B 12 22.41 -23.64 -1.58
N ARG B 13 22.71 -24.88 -1.12
CA ARG B 13 21.94 -25.56 -0.08
C ARG B 13 21.99 -24.71 1.20
N TRP B 14 23.17 -24.16 1.53
CA TRP B 14 23.39 -23.26 2.65
C TRP B 14 22.55 -21.96 2.49
N ARG B 15 22.52 -21.36 1.27
CA ARG B 15 21.75 -20.14 0.98
C ARG B 15 20.25 -20.40 1.08
N LYS B 17 18.69 -22.56 3.11
CA LYS B 17 18.30 -22.52 4.54
C LYS B 17 18.31 -21.11 5.13
N GLU B 18 19.28 -20.25 4.72
CA GLU B 18 19.40 -18.85 5.14
C GLU B 18 18.16 -18.08 4.71
N GLU B 19 17.71 -18.29 3.46
CA GLU B 19 16.51 -17.67 2.89
C GLU B 19 15.25 -18.17 3.55
N ASP B 21 14.94 -19.23 6.61
CA ASP B 21 14.98 -18.62 7.94
C ASP B 21 14.48 -17.17 7.89
N ARG B 22 14.98 -16.38 6.93
CA ARG B 22 14.58 -14.97 6.75
C ARG B 22 13.12 -14.84 6.34
N ALA B 23 12.61 -15.76 5.48
CA ALA B 23 11.21 -15.77 5.04
C ALA B 23 10.31 -16.06 6.24
N GLN B 24 10.72 -16.99 7.12
CA GLN B 24 9.96 -17.30 8.33
C GLN B 24 9.81 -16.09 9.25
N ALA B 25 10.92 -15.34 9.47
CA ALA B 25 10.93 -14.12 10.27
C ALA B 25 10.01 -13.06 9.64
N GLU B 26 10.02 -12.90 8.29
CA GLU B 26 9.13 -11.97 7.59
C GLU B 26 7.66 -12.36 7.76
N LEU B 27 7.37 -13.67 7.65
CA LEU B 27 6.02 -14.20 7.82
C LEU B 27 5.51 -14.06 9.26
N ASN B 28 6.40 -14.20 10.28
CA ASN B 28 6.02 -14.01 11.68
C ASN B 28 5.63 -12.54 11.93
N ALA B 29 6.38 -11.59 11.34
CA ALA B 29 6.12 -10.14 11.44
C ALA B 29 4.80 -9.80 10.73
N LEU B 30 4.48 -10.50 9.61
CA LEU B 30 3.24 -10.31 8.87
C LEU B 30 2.02 -10.81 9.63
N LYS B 31 2.17 -11.80 10.50
CA LYS B 31 1.10 -12.34 11.34
C LYS B 31 0.65 -11.29 12.38
N ARG B 32 1.61 -10.53 12.93
CA ARG B 32 1.35 -9.45 13.89
C ARG B 32 0.72 -8.22 13.17
N THR B 33 1.09 -7.98 11.89
CA THR B 33 0.51 -6.95 11.02
C THR B 33 -0.97 -7.31 10.69
N GLU B 34 -1.28 -8.59 10.43
CA GLU B 34 -2.65 -9.05 10.16
C GLU B 34 -3.55 -8.90 11.40
N GLU B 35 -2.97 -9.07 12.60
CA GLU B 35 -3.62 -8.88 13.89
C GLU B 35 -3.93 -7.39 14.12
N ASP B 36 -3.00 -6.47 13.80
CA ASP B 36 -3.23 -5.03 13.91
C ASP B 36 -4.35 -4.56 12.98
N LEU B 37 -4.44 -5.19 11.80
CA LEU B 37 -5.43 -4.92 10.77
C LEU B 37 -6.83 -5.33 11.21
N LYS B 38 -6.98 -6.56 11.79
CA LYS B 38 -8.24 -7.10 12.31
C LYS B 38 -8.76 -6.16 13.41
N LYS B 39 -7.88 -5.86 14.42
CA LYS B 39 -8.15 -4.98 15.55
C LYS B 39 -8.67 -3.60 15.09
N GLY B 40 -8.00 -2.99 14.10
CA GLY B 40 -8.38 -1.70 13.53
C GLY B 40 -9.75 -1.69 12.91
N HIS B 41 -10.06 -2.75 12.15
CA HIS B 41 -11.34 -2.94 11.49
C HIS B 41 -12.45 -3.19 12.52
N GLN B 42 -12.14 -3.92 13.59
CA GLN B 42 -13.07 -4.23 14.67
C GLN B 42 -13.48 -2.97 15.41
N LYS B 43 -12.48 -2.11 15.74
CA LYS B 43 -12.72 -0.81 16.39
C LYS B 43 -13.61 0.06 15.52
N LEU B 44 -13.32 0.11 14.21
CA LEU B 44 -14.12 0.89 13.27
C LEU B 44 -15.55 0.39 13.15
N GLU B 45 -15.74 -0.96 13.10
CA GLU B 45 -17.04 -1.60 13.03
C GLU B 45 -17.86 -1.32 14.29
N GLU B 46 -17.22 -1.36 15.48
CA GLU B 46 -17.86 -1.05 16.77
C GLU B 46 -18.37 0.40 16.76
N VAL B 48 -19.06 2.30 14.06
CA VAL B 48 -20.12 2.36 13.03
C VAL B 48 -21.47 1.86 13.57
N THR B 49 -21.49 0.69 14.23
CA THR B 49 -22.68 0.09 14.85
C THR B 49 -23.28 1.02 15.89
N ARG B 50 -22.44 1.49 16.84
CA ARG B 50 -22.77 2.41 17.93
C ARG B 50 -23.47 3.69 17.38
N LEU B 51 -22.82 4.38 16.40
CA LEU B 51 -23.31 5.61 15.76
C LEU B 51 -24.58 5.38 14.96
N ASP B 52 -24.69 4.25 14.27
CA ASP B 52 -25.90 3.89 13.54
C ASP B 52 -27.10 3.77 14.54
N GLN B 53 -26.86 3.12 15.70
CA GLN B 53 -27.84 2.98 16.79
C GLN B 53 -28.15 4.35 17.44
N GLU B 54 -27.12 5.21 17.61
CA GLU B 54 -27.27 6.55 18.18
C GLU B 54 -28.12 7.44 17.30
N VAL B 55 -27.97 7.34 15.95
CA VAL B 55 -28.82 8.10 15.03
C VAL B 55 -30.31 7.63 15.17
N ALA B 56 -30.56 6.30 15.19
CA ALA B 56 -31.90 5.70 15.36
C ALA B 56 -32.54 6.12 16.69
N GLU B 57 -31.75 6.17 17.77
CA GLU B 57 -32.18 6.59 19.10
C GLU B 57 -32.68 8.05 19.13
N VAL B 58 -31.93 8.98 18.47
CA VAL B 58 -32.26 10.39 18.34
C VAL B 58 -33.55 10.52 17.50
N ASP B 59 -33.63 9.79 16.36
CA ASP B 59 -34.83 9.77 15.52
C ASP B 59 -36.06 9.41 16.38
N LYS B 60 -35.97 8.34 17.22
CA LYS B 60 -37.07 7.91 18.12
C LYS B 60 -37.36 8.97 19.18
N ASN B 61 -36.31 9.59 19.78
CA ASN B 61 -36.47 10.66 20.76
C ASN B 61 -37.28 11.82 20.20
N ILE B 62 -36.91 12.28 18.99
CA ILE B 62 -37.59 13.36 18.27
C ILE B 62 -39.04 12.96 17.99
N GLU B 63 -39.26 11.73 17.50
CA GLU B 63 -40.59 11.20 17.19
C GLU B 63 -41.48 11.21 18.43
N LEU B 64 -40.93 10.84 19.61
CA LEU B 64 -41.67 10.85 20.89
C LEU B 64 -42.01 12.28 21.35
N LEU B 65 -41.07 13.22 21.16
CA LEU B 65 -41.28 14.62 21.53
C LEU B 65 -42.30 15.30 20.61
N LYS B 66 -42.34 14.87 19.33
CA LYS B 66 -43.32 15.37 18.35
C LYS B 66 -44.73 14.89 18.69
N LYS B 67 -44.87 13.62 19.11
CA LYS B 67 -46.12 13.00 19.53
C LYS B 67 -46.62 13.72 20.79
N LYS B 68 -45.70 14.05 21.72
CA LYS B 68 -45.98 14.78 22.98
C LYS B 68 -46.50 16.16 22.67
N ASP B 69 -45.95 16.85 21.65
CA ASP B 69 -46.37 18.17 21.21
C ASP B 69 -47.77 18.14 20.59
N GLU B 70 -48.11 17.05 19.90
CA GLU B 70 -49.46 16.88 19.32
C GLU B 70 -50.51 16.80 20.44
N GLU B 71 -50.14 16.15 21.57
CA GLU B 71 -50.97 16.00 22.76
C GLU B 71 -51.11 17.31 23.49
N LEU B 72 -50.04 18.11 23.52
CA LEU B 72 -50.02 19.44 24.11
C LEU B 72 -50.89 20.37 23.33
N SER B 73 -50.80 20.32 21.99
CA SER B 73 -51.57 21.15 21.07
C SER B 73 -53.06 20.90 21.19
N SER B 74 -53.48 19.69 21.54
CA SER B 74 -54.89 19.32 21.77
C SER B 74 -55.48 20.07 22.98
N ALA B 75 -54.64 20.62 23.86
CA ALA B 75 -55.10 21.39 25.02
C ALA B 75 -55.24 22.89 24.67
N LEU B 76 -54.75 23.33 23.47
CA LEU B 76 -54.87 24.74 23.06
C LEU B 76 -56.31 25.07 22.60
N GLU B 77 -56.72 26.35 22.71
CA GLU B 77 -58.03 26.80 22.28
C GLU B 77 -58.06 26.82 20.75
N LYS B 78 -59.09 26.21 20.13
CA LYS B 78 -59.23 26.11 18.67
C LYS B 78 -60.64 26.39 18.18
N GLY C 1 28.79 -45.91 -11.04
CA GLY C 1 28.21 -44.77 -10.33
C GLY C 1 29.22 -44.16 -9.39
N SER C 2 28.85 -43.79 -8.16
CA SER C 2 27.49 -43.76 -7.59
C SER C 2 26.97 -42.32 -7.68
N SER C 3 25.72 -42.18 -8.14
CA SER C 3 25.06 -40.89 -8.36
C SER C 3 23.96 -40.54 -7.34
N LEU C 4 23.97 -41.16 -6.16
CA LEU C 4 22.96 -40.89 -5.14
C LEU C 4 22.96 -39.46 -4.57
N ILE C 5 24.16 -38.92 -4.20
CA ILE C 5 24.31 -37.54 -3.69
C ILE C 5 23.82 -36.57 -4.77
N SER C 6 24.24 -36.78 -6.04
CA SER C 6 23.86 -35.90 -7.14
C SER C 6 22.36 -35.90 -7.41
N ALA C 7 21.70 -37.08 -7.39
CA ALA C 7 20.25 -37.25 -7.62
C ALA C 7 19.43 -36.50 -6.56
N VAL C 8 19.81 -36.67 -5.29
CA VAL C 8 19.17 -36.04 -4.12
C VAL C 8 19.33 -34.50 -4.19
N SER C 9 20.52 -34.04 -4.58
CA SER C 9 20.85 -32.63 -4.73
C SER C 9 20.10 -31.99 -5.92
N ASP C 10 20.01 -32.71 -7.06
CA ASP C 10 19.26 -32.30 -8.28
C ASP C 10 17.76 -32.17 -7.99
N LYS C 11 17.21 -33.14 -7.24
CA LYS C 11 15.79 -33.20 -6.84
C LYS C 11 15.41 -31.96 -6.02
N LEU C 12 16.26 -31.61 -5.01
CA LEU C 12 16.06 -30.42 -4.18
C LEU C 12 16.05 -29.12 -5.01
N ARG C 13 16.97 -28.99 -5.97
CA ARG C 13 17.10 -27.81 -6.83
C ARG C 13 15.83 -27.68 -7.65
N TRP C 14 15.34 -28.82 -8.20
CA TRP C 14 14.09 -28.93 -8.97
C TRP C 14 12.87 -28.50 -8.13
N ARG C 15 12.71 -29.09 -6.92
CA ARG C 15 11.65 -28.82 -5.95
C ARG C 15 11.64 -27.35 -5.58
N LYS C 17 12.71 -24.68 -7.39
CA LYS C 17 12.22 -23.93 -8.55
C LYS C 17 10.67 -23.96 -8.66
N GLU C 18 10.08 -25.16 -8.46
CA GLU C 18 8.64 -25.43 -8.47
C GLU C 18 7.93 -24.62 -7.36
N GLU C 19 8.53 -24.62 -6.16
CA GLU C 19 8.04 -23.89 -4.99
C GLU C 19 8.17 -22.38 -5.17
N ASP C 21 7.93 -20.79 -7.99
CA ASP C 21 6.86 -20.49 -8.94
C ASP C 21 5.51 -20.37 -8.19
N ARG C 22 5.20 -21.32 -7.30
CA ARG C 22 3.97 -21.33 -6.50
C ARG C 22 3.90 -20.16 -5.50
N ALA C 23 5.06 -19.82 -4.88
CA ALA C 23 5.16 -18.68 -3.97
C ALA C 23 4.90 -17.38 -4.72
N GLN C 24 5.44 -17.26 -5.95
CA GLN C 24 5.21 -16.08 -6.78
C GLN C 24 3.72 -15.89 -7.11
N ALA C 25 3.01 -16.99 -7.44
CA ALA C 25 1.55 -16.96 -7.72
C ALA C 25 0.79 -16.53 -6.46
N GLU C 26 1.18 -17.03 -5.25
CA GLU C 26 0.57 -16.62 -3.99
C GLU C 26 0.81 -15.13 -3.70
N LEU C 27 2.05 -14.65 -3.97
CA LEU C 27 2.39 -13.25 -3.78
C LEU C 27 1.66 -12.32 -4.78
N ASN C 28 1.42 -12.80 -6.03
CA ASN C 28 0.65 -12.03 -7.02
C ASN C 28 -0.79 -11.84 -6.56
N ALA C 29 -1.42 -12.89 -6.00
CA ALA C 29 -2.77 -12.86 -5.45
C ALA C 29 -2.82 -11.93 -4.21
N LEU C 30 -1.75 -11.91 -3.40
CA LEU C 30 -1.65 -11.05 -2.22
C LEU C 30 -1.53 -9.58 -2.56
N LYS C 31 -1.00 -9.23 -3.75
CA LYS C 31 -0.88 -7.83 -4.18
C LYS C 31 -2.23 -7.24 -4.53
N ARG C 32 -3.15 -8.08 -5.04
CA ARG C 32 -4.51 -7.71 -5.37
C ARG C 32 -5.27 -7.51 -4.03
N THR C 33 -4.98 -8.36 -3.03
CA THR C 33 -5.55 -8.27 -1.69
C THR C 33 -5.10 -6.96 -1.01
N GLU C 34 -3.81 -6.56 -1.20
CA GLU C 34 -3.27 -5.30 -0.66
C GLU C 34 -4.05 -4.12 -1.26
N GLU C 35 -4.29 -4.17 -2.58
CA GLU C 35 -5.02 -3.17 -3.35
C GLU C 35 -6.46 -3.01 -2.81
N ASP C 36 -7.17 -4.13 -2.56
CA ASP C 36 -8.53 -4.11 -1.99
C ASP C 36 -8.54 -3.47 -0.60
N LEU C 37 -7.46 -3.68 0.17
CA LEU C 37 -7.28 -3.15 1.52
C LEU C 37 -7.09 -1.64 1.51
N LYS C 38 -6.23 -1.13 0.60
CA LYS C 38 -5.95 0.32 0.43
C LYS C 38 -7.25 1.03 0.05
N LYS C 39 -7.93 0.51 -1.00
CA LYS C 39 -9.21 1.00 -1.54
C LYS C 39 -10.28 1.12 -0.42
N GLY C 40 -10.41 0.07 0.40
CA GLY C 40 -11.36 0.04 1.52
C GLY C 40 -11.10 1.12 2.55
N HIS C 41 -9.82 1.32 2.89
CA HIS C 41 -9.38 2.34 3.84
C HIS C 41 -9.59 3.75 3.29
N GLN C 42 -9.36 3.92 1.98
CA GLN C 42 -9.54 5.19 1.26
C GLN C 42 -11.03 5.59 1.26
N LYS C 43 -11.93 4.63 0.97
CA LYS C 43 -13.37 4.83 0.98
C LYS C 43 -13.83 5.25 2.37
N LEU C 44 -13.32 4.58 3.42
CA LEU C 44 -13.64 4.95 4.81
C LEU C 44 -13.14 6.36 5.18
N GLU C 45 -11.94 6.73 4.73
CA GLU C 45 -11.36 8.06 4.97
C GLU C 45 -12.19 9.16 4.26
N GLU C 46 -12.65 8.88 3.02
CA GLU C 46 -13.50 9.78 2.24
C GLU C 46 -14.84 10.00 2.95
N VAL C 48 -15.38 9.68 6.24
CA VAL C 48 -15.04 10.44 7.46
C VAL C 48 -14.95 11.95 7.19
N THR C 49 -14.17 12.35 6.16
CA THR C 49 -13.97 13.73 5.71
C THR C 49 -15.31 14.37 5.32
N ARG C 50 -16.08 13.70 4.46
CA ARG C 50 -17.40 14.12 3.97
C ARG C 50 -18.36 14.44 5.13
N LEU C 51 -18.52 13.50 6.07
CA LEU C 51 -19.38 13.62 7.23
C LEU C 51 -18.94 14.69 8.21
N ASP C 52 -17.62 14.82 8.40
CA ASP C 52 -17.06 15.85 9.25
C ASP C 52 -17.43 17.23 8.69
N GLN C 53 -17.28 17.42 7.35
CA GLN C 53 -17.62 18.64 6.62
C GLN C 53 -19.16 18.88 6.67
N GLU C 54 -19.96 17.82 6.52
CA GLU C 54 -21.42 17.92 6.55
C GLU C 54 -21.93 18.39 7.90
N VAL C 55 -21.34 17.88 9.01
CA VAL C 55 -21.70 18.33 10.36
C VAL C 55 -21.37 19.83 10.52
N ALA C 56 -20.14 20.26 10.15
CA ALA C 56 -19.65 21.65 10.21
C ALA C 56 -20.54 22.59 9.40
N GLU C 57 -20.98 22.14 8.22
CA GLU C 57 -21.85 22.90 7.34
C GLU C 57 -23.22 23.20 8.01
N VAL C 58 -23.81 22.20 8.67
CA VAL C 58 -25.10 22.31 9.38
C VAL C 58 -24.93 23.22 10.61
N ASP C 59 -23.80 23.08 11.34
CA ASP C 59 -23.48 23.98 12.45
C ASP C 59 -23.46 25.45 11.94
N LYS C 60 -22.85 25.70 10.75
CA LYS C 60 -22.76 27.03 10.11
C LYS C 60 -24.13 27.53 9.65
N ASN C 61 -24.94 26.66 9.01
CA ASN C 61 -26.31 26.96 8.61
C ASN C 61 -27.09 27.45 9.85
N ILE C 62 -27.04 26.67 10.96
CA ILE C 62 -27.72 26.97 12.22
C ILE C 62 -27.29 28.32 12.79
N GLU C 63 -25.97 28.60 12.84
CA GLU C 63 -25.42 29.89 13.33
C GLU C 63 -25.88 31.08 12.44
N LEU C 64 -25.97 30.87 11.11
CA LEU C 64 -26.42 31.90 10.16
C LEU C 64 -27.93 32.18 10.33
N LEU C 65 -28.77 31.15 10.44
CA LEU C 65 -30.21 31.38 10.61
C LEU C 65 -30.53 32.04 11.96
N LYS C 66 -29.76 31.71 13.02
CA LYS C 66 -29.92 32.29 14.35
C LYS C 66 -29.61 33.79 14.33
N LYS C 67 -28.53 34.16 13.61
CA LYS C 67 -28.08 35.54 13.41
C LYS C 67 -29.13 36.29 12.64
N LYS C 68 -29.71 35.64 11.61
CA LYS C 68 -30.76 36.20 10.75
C LYS C 68 -32.03 36.49 11.56
N ASP C 69 -32.36 35.61 12.50
CA ASP C 69 -33.51 35.75 13.41
C ASP C 69 -33.32 36.89 14.38
N GLU C 70 -32.08 37.15 14.83
CA GLU C 70 -31.77 38.27 15.73
C GLU C 70 -32.02 39.61 14.99
N GLU C 71 -31.72 39.66 13.68
CA GLU C 71 -31.94 40.82 12.82
C GLU C 71 -33.42 41.03 12.55
N LEU C 72 -34.16 39.92 12.40
CA LEU C 72 -35.62 39.95 12.21
C LEU C 72 -36.30 40.48 13.47
N SER C 73 -35.84 39.98 14.64
CA SER C 73 -36.36 40.38 15.94
C SER C 73 -36.17 41.86 16.22
N SER C 74 -35.13 42.49 15.64
CA SER C 74 -34.86 43.92 15.80
C SER C 74 -35.94 44.79 15.14
N ALA C 75 -36.77 44.19 14.26
CA ALA C 75 -37.88 44.88 13.61
C ALA C 75 -39.19 44.76 14.41
N LEU C 76 -39.21 43.91 15.47
CA LEU C 76 -40.40 43.74 16.32
C LEU C 76 -40.58 44.94 17.27
N GLU C 77 -41.84 45.19 17.71
CA GLU C 77 -42.13 46.24 18.68
C GLU C 77 -41.60 45.82 20.06
N LYS C 78 -40.83 46.71 20.71
CA LYS C 78 -40.21 46.44 22.02
C LYS C 78 -40.32 47.63 22.98
N GLY D 1 -40.28 28.45 25.18
CA GLY D 1 -40.25 27.27 24.34
C GLY D 1 -39.40 26.15 24.93
N SER D 2 -39.73 24.92 24.56
CA SER D 2 -38.96 23.76 25.00
C SER D 2 -37.84 23.48 23.96
N SER D 3 -36.62 23.25 24.44
CA SER D 3 -35.47 23.00 23.57
C SER D 3 -34.96 21.55 23.62
N LEU D 4 -35.82 20.58 23.98
CA LEU D 4 -35.42 19.17 24.05
C LEU D 4 -35.04 18.54 22.69
N ILE D 5 -35.84 18.76 21.62
CA ILE D 5 -35.51 18.27 20.27
C ILE D 5 -34.16 18.87 19.82
N SER D 6 -33.96 20.18 20.02
CA SER D 6 -32.71 20.83 19.61
C SER D 6 -31.49 20.33 20.40
N ALA D 7 -31.63 20.11 21.73
CA ALA D 7 -30.54 19.61 22.61
C ALA D 7 -30.08 18.20 22.19
N VAL D 8 -31.05 17.32 21.92
CA VAL D 8 -30.84 15.93 21.46
C VAL D 8 -30.15 15.93 20.07
N SER D 9 -30.61 16.81 19.18
CA SER D 9 -30.07 16.97 17.84
C SER D 9 -28.64 17.55 17.88
N ASP D 10 -28.40 18.56 18.72
CA ASP D 10 -27.07 19.17 18.94
C ASP D 10 -26.05 18.15 19.51
N LYS D 11 -26.49 17.32 20.48
CA LYS D 11 -25.68 16.26 21.12
C LYS D 11 -25.18 15.25 20.07
N LEU D 12 -26.10 14.78 19.17
CA LEU D 12 -25.77 13.86 18.08
C LEU D 12 -24.72 14.46 17.11
N ARG D 13 -24.88 15.74 16.75
CA ARG D 13 -23.96 16.44 15.85
C ARG D 13 -22.57 16.49 16.50
N TRP D 14 -22.55 16.79 17.82
CA TRP D 14 -21.33 16.81 18.63
C TRP D 14 -20.63 15.43 18.67
N ARG D 15 -21.38 14.36 19.01
CA ARG D 15 -20.89 12.99 19.11
C ARG D 15 -20.31 12.53 17.79
N LYS D 17 -18.90 14.40 15.34
CA LYS D 17 -17.61 15.08 15.16
C LYS D 17 -16.50 14.36 15.98
N GLU D 18 -16.80 14.00 17.26
CA GLU D 18 -15.89 13.29 18.18
C GLU D 18 -15.51 11.92 17.62
N GLU D 19 -16.50 11.21 17.09
CA GLU D 19 -16.34 9.89 16.49
C GLU D 19 -15.59 9.96 15.17
N ASP D 21 -13.27 12.12 14.47
CA ASP D 21 -11.90 12.35 14.90
C ASP D 21 -11.21 11.02 15.30
N ARG D 22 -11.90 10.17 16.08
CA ARG D 22 -11.39 8.87 16.51
C ARG D 22 -11.23 7.89 15.33
N ALA D 23 -12.18 7.91 14.38
CA ALA D 23 -12.11 7.08 13.18
C ALA D 23 -10.91 7.49 12.33
N GLN D 24 -10.66 8.81 12.20
CA GLN D 24 -9.50 9.30 11.47
C GLN D 24 -8.17 8.81 12.08
N ALA D 25 -8.05 8.83 13.44
CA ALA D 25 -6.88 8.34 14.16
C ALA D 25 -6.69 6.83 13.89
N GLU D 26 -7.80 6.03 13.91
CA GLU D 26 -7.76 4.59 13.59
C GLU D 26 -7.29 4.35 12.15
N LEU D 27 -7.81 5.16 11.20
CA LEU D 27 -7.44 5.06 9.78
C LEU D 27 -5.98 5.48 9.54
N ASN D 28 -5.46 6.46 10.29
CA ASN D 28 -4.04 6.86 10.19
C ASN D 28 -3.11 5.71 10.61
N ALA D 29 -3.46 5.00 11.72
CA ALA D 29 -2.73 3.83 12.23
C ALA D 29 -2.82 2.66 11.22
N LEU D 30 -3.98 2.50 10.55
CA LEU D 30 -4.18 1.47 9.53
C LEU D 30 -3.37 1.70 8.27
N LYS D 31 -3.01 2.98 7.97
CA LYS D 31 -2.17 3.35 6.83
C LYS D 31 -0.75 2.84 7.03
N ARG D 32 -0.25 2.88 8.28
CA ARG D 32 1.07 2.37 8.62
C ARG D 32 1.07 0.84 8.54
N THR D 33 -0.03 0.21 9.00
CA THR D 33 -0.22 -1.23 8.95
C THR D 33 -0.21 -1.69 7.48
N GLU D 34 -0.85 -0.92 6.57
CA GLU D 34 -0.85 -1.28 5.15
C GLU D 34 0.55 -1.20 4.56
N GLU D 35 1.35 -0.21 4.99
CA GLU D 35 2.74 -0.01 4.60
C GLU D 35 3.62 -1.18 5.10
N ASP D 36 3.43 -1.67 6.34
CA ASP D 36 4.17 -2.83 6.85
C ASP D 36 3.84 -4.10 6.06
N LEU D 37 2.59 -4.20 5.58
CA LEU D 37 2.11 -5.32 4.78
C LEU D 37 2.74 -5.35 3.39
N LYS D 38 2.81 -4.17 2.71
CA LYS D 38 3.42 -4.01 1.39
C LYS D 38 4.89 -4.39 1.45
N LYS D 39 5.63 -3.78 2.42
CA LYS D 39 7.04 -4.01 2.73
C LYS D 39 7.34 -5.52 2.94
N GLY D 40 6.51 -6.20 3.73
CA GLY D 40 6.67 -7.63 3.99
C GLY D 40 6.56 -8.49 2.74
N HIS D 41 5.55 -8.16 1.88
CA HIS D 41 5.30 -8.84 0.62
C HIS D 41 6.42 -8.61 -0.38
N GLN D 42 6.95 -7.37 -0.42
CA GLN D 42 8.08 -7.03 -1.29
C GLN D 42 9.35 -7.79 -0.90
N LYS D 43 9.65 -7.85 0.41
CA LYS D 43 10.80 -8.61 0.92
C LYS D 43 10.67 -10.07 0.51
N LEU D 44 9.47 -10.65 0.64
CA LEU D 44 9.22 -12.05 0.23
C LEU D 44 9.39 -12.24 -1.27
N GLU D 45 8.91 -11.30 -2.09
CA GLU D 45 9.04 -11.34 -3.55
C GLU D 45 10.50 -11.23 -4.00
N GLU D 46 11.29 -10.37 -3.30
CA GLU D 46 12.73 -10.22 -3.53
C GLU D 46 13.47 -11.52 -3.22
N VAL D 48 12.15 -14.59 -3.29
CA VAL D 48 11.69 -15.55 -4.31
C VAL D 48 12.51 -15.41 -5.62
N THR D 49 12.62 -14.17 -6.14
CA THR D 49 13.39 -13.80 -7.34
C THR D 49 14.87 -14.19 -7.19
N ARG D 50 15.51 -13.78 -6.10
CA ARG D 50 16.90 -14.05 -5.75
C ARG D 50 17.21 -15.56 -5.77
N LEU D 51 16.41 -16.36 -5.04
CA LEU D 51 16.55 -17.82 -4.96
C LEU D 51 16.29 -18.53 -6.26
N ASP D 52 15.32 -18.05 -7.02
CA ASP D 52 15.02 -18.58 -8.34
C ASP D 52 16.26 -18.40 -9.25
N GLN D 53 16.88 -17.20 -9.22
CA GLN D 53 18.08 -16.87 -9.97
C GLN D 53 19.28 -17.69 -9.48
N GLU D 54 19.40 -17.88 -8.15
CA GLU D 54 20.50 -18.65 -7.54
C GLU D 54 20.46 -20.11 -7.96
N VAL D 55 19.25 -20.70 -8.01
CA VAL D 55 19.11 -22.08 -8.49
C VAL D 55 19.51 -22.20 -9.98
N ALA D 56 19.03 -21.27 -10.84
CA ALA D 56 19.35 -21.22 -12.28
C ALA D 56 20.85 -21.05 -12.52
N GLU D 57 21.51 -20.26 -11.68
CA GLU D 57 22.95 -19.99 -11.76
C GLU D 57 23.77 -21.28 -11.52
N VAL D 58 23.38 -22.06 -10.50
CA VAL D 58 24.01 -23.32 -10.13
C VAL D 58 23.75 -24.35 -11.26
N ASP D 59 22.50 -24.41 -11.78
CA ASP D 59 22.18 -25.27 -12.92
C ASP D 59 23.14 -24.98 -14.09
N LYS D 60 23.36 -23.69 -14.43
CA LYS D 60 24.30 -23.27 -15.49
C LYS D 60 25.77 -23.63 -15.12
N ASN D 61 26.22 -23.36 -13.85
CA ASN D 61 27.58 -23.76 -13.46
C ASN D 61 27.80 -25.23 -13.78
N ILE D 62 26.84 -26.06 -13.33
CA ILE D 62 26.86 -27.51 -13.47
C ILE D 62 26.95 -27.94 -14.92
N GLU D 63 26.12 -27.36 -15.79
CA GLU D 63 26.13 -27.64 -17.23
C GLU D 63 27.50 -27.24 -17.87
N LEU D 64 28.09 -26.08 -17.44
CA LEU D 64 29.42 -25.59 -17.92
C LEU D 64 30.58 -26.55 -17.49
N LEU D 65 30.59 -26.96 -16.22
CA LEU D 65 31.61 -27.88 -15.71
C LEU D 65 31.49 -29.29 -16.34
N LYS D 66 30.26 -29.68 -16.73
CA LYS D 66 29.97 -30.94 -17.43
C LYS D 66 30.50 -30.91 -18.87
N LYS D 67 30.31 -29.76 -19.57
CA LYS D 67 30.77 -29.52 -20.93
C LYS D 67 32.30 -29.55 -20.95
N LYS D 68 32.91 -28.93 -19.93
CA LYS D 68 34.36 -28.87 -19.77
C LYS D 68 34.97 -30.27 -19.59
N ASP D 69 34.28 -31.13 -18.84
CA ASP D 69 34.66 -32.52 -18.58
C ASP D 69 34.56 -33.36 -19.83
N GLU D 70 33.57 -33.08 -20.71
CA GLU D 70 33.40 -33.79 -21.98
C GLU D 70 34.61 -33.51 -22.88
N GLU D 71 35.11 -32.27 -22.86
CA GLU D 71 36.28 -31.82 -23.63
C GLU D 71 37.54 -32.48 -23.12
N LEU D 72 37.73 -32.53 -21.80
CA LEU D 72 38.91 -33.19 -21.29
C LEU D 72 38.88 -34.74 -21.44
N SER D 73 37.67 -35.36 -21.40
CA SER D 73 37.50 -36.81 -21.64
C SER D 73 37.84 -37.18 -23.09
N SER D 74 37.71 -36.24 -24.05
CA SER D 74 38.07 -36.45 -25.44
C SER D 74 39.60 -36.62 -25.63
N ALA D 75 40.40 -36.24 -24.61
CA ALA D 75 41.85 -36.39 -24.63
C ALA D 75 42.28 -37.77 -24.03
N LEU D 76 41.34 -38.53 -23.41
CA LEU D 76 41.64 -39.86 -22.84
C LEU D 76 41.77 -40.93 -23.94
N GLU D 77 42.51 -42.02 -23.65
CA GLU D 77 42.70 -43.14 -24.56
C GLU D 77 41.39 -43.91 -24.69
N LYS D 78 40.93 -44.13 -25.93
CA LYS D 78 39.66 -44.83 -26.24
C LYS D 78 39.78 -45.80 -27.39
N GLY E 1 -48.51 30.42 -2.62
CA GLY E 1 -48.57 29.23 -3.46
C GLY E 1 -47.60 28.14 -3.02
N SER E 2 -47.91 26.89 -3.37
CA SER E 2 -47.06 25.74 -3.07
C SER E 2 -45.99 25.56 -4.15
N SER E 3 -44.75 25.31 -3.73
CA SER E 3 -43.59 25.16 -4.60
C SER E 3 -43.02 23.73 -4.64
N LEU E 4 -43.86 22.71 -4.35
CA LEU E 4 -43.39 21.33 -4.32
C LEU E 4 -42.98 20.76 -5.68
N ILE E 5 -43.77 20.99 -6.74
CA ILE E 5 -43.46 20.55 -8.10
C ILE E 5 -42.15 21.21 -8.53
N SER E 6 -42.00 22.53 -8.29
CA SER E 6 -40.79 23.27 -8.69
C SER E 6 -39.53 22.78 -7.97
N ALA E 7 -39.61 22.52 -6.65
CA ALA E 7 -38.51 22.05 -5.81
C ALA E 7 -37.99 20.69 -6.28
N VAL E 8 -38.91 19.75 -6.52
CA VAL E 8 -38.66 18.40 -7.00
C VAL E 8 -38.03 18.43 -8.41
N SER E 9 -38.55 19.30 -9.28
CA SER E 9 -38.07 19.49 -10.65
C SER E 9 -36.65 20.11 -10.65
N ASP E 10 -36.41 21.13 -9.80
CA ASP E 10 -35.10 21.80 -9.61
C ASP E 10 -34.03 20.81 -9.10
N LYS E 11 -34.41 19.97 -8.12
CA LYS E 11 -33.54 18.96 -7.49
C LYS E 11 -33.04 17.93 -8.54
N LEU E 12 -33.96 17.43 -9.39
CA LEU E 12 -33.66 16.50 -10.47
C LEU E 12 -32.69 17.13 -11.50
N ARG E 13 -32.92 18.41 -11.88
CA ARG E 13 -32.07 19.13 -12.82
C ARG E 13 -30.65 19.21 -12.25
N TRP E 14 -30.53 19.48 -10.93
CA TRP E 14 -29.28 19.52 -10.19
C TRP E 14 -28.59 18.13 -10.22
N ARG E 15 -29.37 17.04 -9.99
CA ARG E 15 -28.83 15.66 -10.01
C ARG E 15 -28.37 15.27 -11.41
N LYS E 17 -27.12 17.19 -13.76
CA LYS E 17 -25.84 17.86 -13.95
C LYS E 17 -24.69 17.11 -13.23
N GLU E 18 -24.93 16.68 -11.96
CA GLU E 18 -24.00 15.93 -11.10
C GLU E 18 -23.60 14.60 -11.77
N GLU E 19 -24.60 13.92 -12.36
CA GLU E 19 -24.47 12.66 -13.08
C GLU E 19 -23.73 12.83 -14.38
N ASP E 21 -21.42 15.11 -14.97
CA ASP E 21 -20.06 15.39 -14.54
C ASP E 21 -19.31 14.10 -14.20
N ARG E 22 -19.97 13.23 -13.41
CA ARG E 22 -19.45 11.93 -12.98
C ARG E 22 -19.23 10.96 -14.18
N ALA E 23 -20.15 10.96 -15.17
CA ALA E 23 -20.08 10.14 -16.39
C ALA E 23 -18.90 10.59 -17.23
N GLN E 24 -18.68 11.92 -17.33
CA GLN E 24 -17.54 12.47 -18.07
C GLN E 24 -16.20 12.02 -17.48
N ALA E 25 -16.08 12.04 -16.13
CA ALA E 25 -14.87 11.58 -15.42
C ALA E 25 -14.67 10.08 -15.69
N GLU E 26 -15.76 9.25 -15.69
CA GLU E 26 -15.65 7.80 -15.97
C GLU E 26 -15.19 7.57 -17.41
N LEU E 27 -15.74 8.35 -18.36
CA LEU E 27 -15.36 8.28 -19.77
C LEU E 27 -13.91 8.72 -20.03
N ASN E 28 -13.42 9.73 -19.27
CA ASN E 28 -12.02 10.17 -19.38
C ASN E 28 -11.07 9.06 -18.94
N ALA E 29 -11.41 8.36 -17.83
CA ALA E 29 -10.64 7.24 -17.28
C ALA E 29 -10.66 6.06 -18.26
N LEU E 30 -11.79 5.84 -18.96
CA LEU E 30 -11.92 4.78 -19.96
C LEU E 30 -11.08 5.05 -21.20
N LYS E 31 -10.81 6.32 -21.54
CA LYS E 31 -9.96 6.71 -22.66
C LYS E 31 -8.50 6.28 -22.42
N ARG E 32 -8.02 6.40 -21.16
CA ARG E 32 -6.69 5.95 -20.73
C ARG E 32 -6.62 4.43 -20.77
N THR E 33 -7.73 3.74 -20.38
CA THR E 33 -7.85 2.29 -20.41
C THR E 33 -7.76 1.78 -21.87
N GLU E 34 -8.40 2.49 -22.85
CA GLU E 34 -8.33 2.14 -24.28
C GLU E 34 -6.87 2.21 -24.75
N GLU E 35 -6.16 3.27 -24.32
CA GLU E 35 -4.76 3.54 -24.64
C GLU E 35 -3.85 2.43 -24.10
N ASP E 36 -4.08 1.96 -22.86
CA ASP E 36 -3.30 0.85 -22.27
C ASP E 36 -3.53 -0.46 -23.04
N LEU E 37 -4.76 -0.64 -23.54
CA LEU E 37 -5.18 -1.80 -24.31
C LEU E 37 -4.50 -1.85 -25.68
N LYS E 38 -4.47 -0.71 -26.41
CA LYS E 38 -3.81 -0.57 -27.72
C LYS E 38 -2.32 -0.90 -27.55
N LYS E 39 -1.64 -0.23 -26.58
CA LYS E 39 -0.23 -0.39 -26.22
C LYS E 39 0.12 -1.87 -26.00
N GLY E 40 -0.70 -2.56 -25.19
CA GLY E 40 -0.51 -3.97 -24.86
C GLY E 40 -0.58 -4.87 -26.09
N HIS E 41 -1.57 -4.63 -26.96
CA HIS E 41 -1.78 -5.37 -28.20
C HIS E 41 -0.65 -5.10 -29.17
N GLN E 42 -0.17 -3.85 -29.22
CA GLN E 42 0.92 -3.41 -30.08
C GLN E 42 2.22 -4.10 -29.74
N LYS E 43 2.54 -4.20 -28.43
CA LYS E 43 3.72 -4.91 -27.91
C LYS E 43 3.64 -6.37 -28.27
N LEU E 44 2.46 -7.00 -28.07
CA LEU E 44 2.25 -8.41 -28.40
C LEU E 44 2.41 -8.70 -29.88
N GLU E 45 1.87 -7.81 -30.75
CA GLU E 45 1.95 -7.92 -32.21
C GLU E 45 3.41 -7.82 -32.67
N GLU E 46 4.20 -6.88 -32.08
CA GLU E 46 5.62 -6.70 -32.37
C GLU E 46 6.40 -7.98 -32.03
N VAL E 48 5.14 -11.10 -31.77
CA VAL E 48 4.64 -12.12 -32.71
C VAL E 48 5.34 -12.05 -34.08
N THR E 49 5.42 -10.85 -34.68
CA THR E 49 6.06 -10.59 -35.97
C THR E 49 7.54 -10.97 -35.91
N ARG E 50 8.26 -10.45 -34.88
CA ARG E 50 9.68 -10.69 -34.61
C ARG E 50 9.99 -12.21 -34.56
N LEU E 51 9.24 -12.96 -33.71
CA LEU E 51 9.37 -14.41 -33.51
C LEU E 51 9.01 -15.21 -34.75
N ASP E 52 7.98 -14.79 -35.48
CA ASP E 52 7.63 -15.43 -36.75
C ASP E 52 8.81 -15.32 -37.75
N GLN E 53 9.44 -14.12 -37.83
CA GLN E 53 10.59 -13.86 -38.67
C GLN E 53 11.84 -14.66 -38.15
N GLU E 54 12.00 -14.76 -36.81
CA GLU E 54 13.10 -15.50 -36.19
C GLU E 54 13.00 -16.99 -36.50
N VAL E 55 11.77 -17.56 -36.51
CA VAL E 55 11.58 -18.96 -36.90
C VAL E 55 12.00 -19.17 -38.39
N ALA E 56 11.54 -18.29 -39.30
CA ALA E 56 11.88 -18.30 -40.74
C ALA E 56 13.39 -18.18 -40.98
N GLU E 57 14.07 -17.33 -40.21
CA GLU E 57 15.51 -17.11 -40.25
C GLU E 57 16.31 -18.39 -39.89
N VAL E 58 15.89 -19.09 -38.81
CA VAL E 58 16.46 -20.35 -38.35
C VAL E 58 16.24 -21.44 -39.42
N ASP E 59 15.00 -21.54 -39.95
CA ASP E 59 14.66 -22.46 -41.04
C ASP E 59 15.66 -22.27 -42.21
N LYS E 60 15.90 -20.99 -42.64
CA LYS E 60 16.84 -20.67 -43.73
C LYS E 60 18.27 -21.01 -43.34
N ASN E 61 18.69 -20.71 -42.07
CA ASN E 61 20.03 -21.04 -41.57
C ASN E 61 20.31 -22.53 -41.69
N ILE E 62 19.35 -23.36 -41.22
CA ILE E 62 19.43 -24.82 -41.27
C ILE E 62 19.53 -25.27 -42.74
N GLU E 63 18.67 -24.70 -43.61
CA GLU E 63 18.61 -25.04 -45.03
C GLU E 63 19.94 -24.78 -45.70
N LEU E 64 20.60 -23.66 -45.36
CA LEU E 64 21.93 -23.30 -45.91
C LEU E 64 23.01 -24.25 -45.41
N LEU E 65 22.95 -24.64 -44.13
CA LEU E 65 23.92 -25.57 -43.53
C LEU E 65 23.76 -26.98 -44.10
N LYS E 66 22.53 -27.37 -44.44
CA LYS E 66 22.24 -28.67 -45.07
C LYS E 66 22.80 -28.72 -46.49
N LYS E 67 22.65 -27.62 -47.26
CA LYS E 67 23.16 -27.46 -48.61
C LYS E 67 24.70 -27.53 -48.58
N LYS E 68 25.31 -26.88 -47.56
CA LYS E 68 26.75 -26.87 -47.33
C LYS E 68 27.28 -28.27 -47.06
N ASP E 69 26.52 -29.09 -46.31
CA ASP E 69 26.85 -30.48 -45.99
C ASP E 69 26.75 -31.38 -47.21
N GLU E 70 25.82 -31.09 -48.14
CA GLU E 70 25.70 -31.83 -49.40
C GLU E 70 26.96 -31.61 -50.26
N GLU E 71 27.52 -30.38 -50.22
CA GLU E 71 28.73 -29.99 -50.95
C GLU E 71 29.94 -30.63 -50.33
N LEU E 72 29.95 -30.74 -48.99
CA LEU E 72 31.01 -31.41 -48.22
C LEU E 72 31.03 -32.88 -48.56
N SER E 73 29.84 -33.51 -48.59
CA SER E 73 29.67 -34.93 -48.87
C SER E 73 30.17 -35.31 -50.25
N SER E 74 30.09 -34.37 -51.22
CA SER E 74 30.59 -34.57 -52.59
C SER E 74 32.14 -34.72 -52.61
N ALA E 75 32.82 -34.29 -51.55
CA ALA E 75 34.29 -34.41 -51.46
C ALA E 75 34.70 -35.76 -50.80
N LEU E 76 33.73 -36.51 -50.24
CA LEU E 76 33.89 -37.82 -49.59
C LEU E 76 34.15 -38.94 -50.62
N GLU E 77 34.96 -39.97 -50.26
CA GLU E 77 35.23 -41.10 -51.15
C GLU E 77 33.96 -41.94 -51.31
N LYS E 78 33.57 -42.21 -52.57
CA LYS E 78 32.34 -42.96 -52.90
C LYS E 78 32.58 -43.95 -54.04
N GLY F 1 32.57 -33.34 -35.15
CA GLY F 1 31.29 -32.95 -35.70
C GLY F 1 31.00 -31.46 -35.58
N SER F 2 30.25 -30.91 -36.52
CA SER F 2 29.88 -29.49 -36.49
C SER F 2 28.56 -29.32 -35.72
N SER F 3 28.52 -28.34 -34.81
CA SER F 3 27.36 -28.06 -33.97
C SER F 3 26.58 -26.76 -34.34
N LEU F 4 26.73 -26.26 -35.56
CA LEU F 4 26.06 -25.03 -35.99
C LEU F 4 24.52 -25.13 -36.06
N ILE F 5 23.97 -26.21 -36.67
CA ILE F 5 22.53 -26.44 -36.75
C ILE F 5 21.96 -26.56 -35.32
N SER F 6 22.64 -27.34 -34.44
CA SER F 6 22.18 -27.52 -33.08
C SER F 6 22.18 -26.21 -32.26
N ALA F 7 23.23 -25.37 -32.40
CA ALA F 7 23.39 -24.08 -31.69
C ALA F 7 22.27 -23.11 -32.08
N VAL F 8 21.99 -23.00 -33.40
CA VAL F 8 20.95 -22.15 -33.97
C VAL F 8 19.55 -22.61 -33.49
N SER F 9 19.33 -23.93 -33.46
CA SER F 9 18.08 -24.54 -33.02
C SER F 9 17.87 -24.35 -31.50
N ASP F 10 18.95 -24.53 -30.69
CA ASP F 10 18.96 -24.30 -29.23
C ASP F 10 18.66 -22.83 -28.89
N LYS F 11 19.27 -21.88 -29.64
CA LYS F 11 19.11 -20.43 -29.47
C LYS F 11 17.63 -20.04 -29.66
N LEU F 12 16.99 -20.55 -30.74
CA LEU F 12 15.57 -20.31 -31.02
C LEU F 12 14.65 -20.82 -29.87
N ARG F 13 14.94 -22.02 -29.35
CA ARG F 13 14.17 -22.62 -28.26
C ARG F 13 14.27 -21.73 -27.03
N TRP F 14 15.51 -21.25 -26.73
CA TRP F 14 15.82 -20.34 -25.62
C TRP F 14 15.05 -19.02 -25.74
N ARG F 15 15.13 -18.40 -26.94
CA ARG F 15 14.49 -17.14 -27.32
C ARG F 15 12.99 -17.23 -27.15
N LYS F 17 11.20 -19.26 -25.17
CA LYS F 17 10.90 -19.32 -23.74
C LYS F 17 10.91 -17.91 -23.09
N GLU F 18 11.94 -17.11 -23.41
CA GLU F 18 12.12 -15.73 -22.93
C GLU F 18 11.00 -14.83 -23.39
N GLU F 19 10.60 -14.99 -24.66
CA GLU F 19 9.49 -14.23 -25.26
C GLU F 19 8.14 -14.64 -24.67
N ASP F 21 7.64 -15.66 -21.64
CA ASP F 21 7.67 -15.02 -20.32
C ASP F 21 7.24 -13.54 -20.42
N ARG F 22 7.75 -12.77 -21.40
CA ARG F 22 7.40 -11.36 -21.60
C ARG F 22 5.94 -11.21 -22.06
N ALA F 23 5.49 -12.11 -22.96
CA ALA F 23 4.09 -12.11 -23.42
C ALA F 23 3.15 -12.36 -22.24
N GLN F 24 3.53 -13.29 -21.33
CA GLN F 24 2.72 -13.56 -20.14
C GLN F 24 2.60 -12.32 -19.23
N ALA F 25 3.71 -11.56 -19.04
CA ALA F 25 3.70 -10.32 -18.26
C ALA F 25 2.79 -9.29 -18.94
N GLU F 26 2.81 -9.16 -20.29
CA GLU F 26 1.93 -8.25 -21.04
C GLU F 26 0.47 -8.63 -20.87
N LEU F 27 0.19 -9.96 -20.93
CA LEU F 27 -1.17 -10.48 -20.75
C LEU F 27 -1.68 -10.30 -19.32
N ASN F 28 -0.80 -10.39 -18.30
CA ASN F 28 -1.17 -10.15 -16.90
C ASN F 28 -1.59 -8.70 -16.69
N ALA F 29 -0.85 -7.75 -17.30
CA ALA F 29 -1.15 -6.30 -17.27
C ALA F 29 -2.47 -6.00 -18.02
N LEU F 30 -2.74 -6.73 -19.11
CA LEU F 30 -3.97 -6.61 -19.89
C LEU F 30 -5.19 -7.12 -19.14
N LYS F 31 -5.01 -8.04 -18.16
CA LYS F 31 -6.10 -8.57 -17.32
C LYS F 31 -6.59 -7.49 -16.37
N ARG F 32 -5.69 -6.64 -15.88
CA ARG F 32 -6.01 -5.51 -15.02
C ARG F 32 -6.76 -4.43 -15.86
N THR F 33 -6.31 -4.24 -17.11
CA THR F 33 -6.92 -3.29 -18.06
C THR F 33 -8.36 -3.73 -18.37
N GLU F 34 -8.58 -5.04 -18.51
CA GLU F 34 -9.90 -5.63 -18.77
C GLU F 34 -10.82 -5.30 -17.60
N GLU F 35 -10.32 -5.50 -16.37
CA GLU F 35 -11.02 -5.24 -15.11
C GLU F 35 -11.42 -3.76 -15.01
N ASP F 36 -10.51 -2.81 -15.34
CA ASP F 36 -10.80 -1.38 -15.32
C ASP F 36 -11.90 -1.02 -16.33
N LEU F 37 -11.93 -1.73 -17.46
CA LEU F 37 -12.91 -1.54 -18.52
C LEU F 37 -14.31 -1.99 -18.10
N LYS F 38 -14.41 -3.18 -17.47
CA LYS F 38 -15.67 -3.75 -16.98
C LYS F 38 -16.26 -2.80 -15.93
N LYS F 39 -15.42 -2.42 -14.91
CA LYS F 39 -15.73 -1.50 -13.82
C LYS F 39 -16.30 -0.16 -14.35
N GLY F 40 -15.64 0.42 -15.36
CA GLY F 40 -16.06 1.67 -15.97
C GLY F 40 -17.43 1.59 -16.63
N HIS F 41 -17.69 0.48 -17.36
CA HIS F 41 -18.96 0.20 -18.01
C HIS F 41 -20.08 -0.03 -16.99
N GLN F 42 -19.74 -0.70 -15.87
CA GLN F 42 -20.66 -0.99 -14.78
C GLN F 42 -21.10 0.32 -14.09
N LYS F 43 -20.15 1.22 -13.83
CA LYS F 43 -20.42 2.54 -13.23
C LYS F 43 -21.33 3.32 -14.15
N LEU F 44 -21.08 3.31 -15.47
CA LEU F 44 -21.93 4.00 -16.45
C LEU F 44 -23.36 3.43 -16.49
N GLU F 45 -23.48 2.09 -16.42
CA GLU F 45 -24.78 1.40 -16.40
C GLU F 45 -25.58 1.74 -15.13
N GLU F 46 -24.89 1.81 -13.98
CA GLU F 46 -25.47 2.19 -12.70
C GLU F 46 -26.01 3.63 -12.74
N VAL F 48 -26.95 5.26 -15.50
CA VAL F 48 -28.08 5.20 -16.45
C VAL F 48 -29.39 4.76 -15.75
N THR F 49 -29.33 3.64 -15.00
CA THR F 49 -30.44 3.07 -14.23
C THR F 49 -30.96 4.08 -13.19
N ARG F 50 -30.06 4.66 -12.39
CA ARG F 50 -30.32 5.65 -11.34
C ARG F 50 -31.09 6.85 -11.91
N LEU F 51 -30.58 7.46 -12.98
CA LEU F 51 -31.18 8.62 -13.66
C LEU F 51 -32.51 8.32 -14.30
N ASP F 52 -32.63 7.14 -14.91
CA ASP F 52 -33.88 6.70 -15.50
C ASP F 52 -34.97 6.61 -14.43
N GLN F 53 -34.62 6.04 -13.25
CA GLN F 53 -35.51 5.92 -12.09
C GLN F 53 -35.83 7.30 -11.51
N GLU F 54 -34.82 8.19 -11.42
CA GLU F 54 -34.99 9.55 -10.89
C GLU F 54 -35.96 10.36 -11.73
N VAL F 55 -35.86 10.26 -13.07
CA VAL F 55 -36.79 10.95 -13.95
C VAL F 55 -38.24 10.43 -13.75
N ALA F 56 -38.44 9.10 -13.73
CA ALA F 56 -39.74 8.43 -13.51
C ALA F 56 -40.34 8.82 -12.17
N GLU F 57 -39.51 8.92 -11.12
CA GLU F 57 -39.94 9.30 -9.78
C GLU F 57 -40.53 10.73 -9.75
N VAL F 58 -39.85 11.69 -10.43
CA VAL F 58 -40.27 13.09 -10.54
C VAL F 58 -41.58 13.17 -11.35
N ASP F 59 -41.65 12.42 -12.47
CA ASP F 59 -42.88 12.32 -13.26
C ASP F 59 -44.07 11.89 -12.37
N LYS F 60 -43.88 10.85 -11.52
CA LYS F 60 -44.92 10.36 -10.59
C LYS F 60 -45.22 11.40 -9.50
N ASN F 61 -44.20 12.04 -8.93
CA ASN F 61 -44.40 13.11 -7.95
C ASN F 61 -45.31 14.19 -8.50
N ILE F 62 -45.01 14.69 -9.73
CA ILE F 62 -45.78 15.73 -10.43
C ILE F 62 -47.22 15.28 -10.64
N GLU F 63 -47.40 14.03 -11.13
CA GLU F 63 -48.70 13.42 -11.37
C GLU F 63 -49.56 13.39 -10.07
N LEU F 64 -48.92 13.02 -8.93
CA LEU F 64 -49.58 12.96 -7.63
C LEU F 64 -49.96 14.33 -7.10
N LEU F 65 -49.09 15.32 -7.30
CA LEU F 65 -49.37 16.69 -6.85
C LEU F 65 -50.50 17.31 -7.67
N LYS F 66 -50.59 16.96 -8.95
CA LYS F 66 -51.63 17.44 -9.85
C LYS F 66 -53.00 16.88 -9.45
N LYS F 67 -53.04 15.58 -9.12
CA LYS F 67 -54.23 14.86 -8.64
C LYS F 67 -54.70 15.47 -7.31
N LYS F 68 -53.74 15.77 -6.42
CA LYS F 68 -53.99 16.38 -5.11
C LYS F 68 -54.60 17.78 -5.27
N ASP F 69 -54.14 18.56 -6.26
CA ASP F 69 -54.65 19.88 -6.57
C ASP F 69 -56.07 19.84 -7.11
N GLU F 70 -56.42 18.78 -7.88
CA GLU F 70 -57.78 18.59 -8.39
C GLU F 70 -58.76 18.39 -7.20
N GLU F 71 -58.31 17.65 -6.17
CA GLU F 71 -59.09 17.38 -4.95
C GLU F 71 -59.24 18.63 -4.10
N LEU F 72 -58.18 19.48 -4.07
CA LEU F 72 -58.17 20.75 -3.36
C LEU F 72 -59.14 21.68 -4.05
N SER F 73 -59.16 21.69 -5.41
CA SER F 73 -60.07 22.51 -6.19
C SER F 73 -61.54 22.20 -5.86
N SER F 74 -61.89 20.91 -5.66
CA SER F 74 -63.25 20.45 -5.32
C SER F 74 -63.85 21.07 -4.05
N ALA F 75 -63.06 21.84 -3.30
CA ALA F 75 -63.51 22.48 -2.08
C ALA F 75 -63.69 23.96 -2.33
N LEU F 76 -63.23 24.46 -3.49
CA LEU F 76 -63.38 25.87 -3.86
C LEU F 76 -64.86 26.13 -4.22
N GLU F 77 -65.32 27.39 -4.09
CA GLU F 77 -66.67 27.78 -4.49
C GLU F 77 -66.75 27.78 -6.03
N LYS F 78 -67.75 27.08 -6.60
CA LYS F 78 -67.93 26.93 -8.05
C LYS F 78 -69.42 26.96 -8.43
N GLY G 1 58.96 -16.23 0.84
CA GLY G 1 59.28 -15.48 -0.37
C GLY G 1 59.03 -14.00 -0.22
N SER G 2 58.28 -13.41 -1.15
CA SER G 2 57.93 -12.00 -1.11
C SER G 2 56.59 -11.83 -0.34
N SER G 3 56.56 -10.86 0.59
CA SER G 3 55.37 -10.61 1.41
C SER G 3 54.65 -9.26 1.09
N LEU G 4 54.81 -8.76 -0.15
CA LEU G 4 54.16 -7.50 -0.55
C LEU G 4 52.62 -7.57 -0.60
N ILE G 5 52.03 -8.62 -1.21
CA ILE G 5 50.56 -8.82 -1.26
C ILE G 5 50.04 -8.91 0.18
N SER G 6 50.70 -9.70 1.05
CA SER G 6 50.26 -9.86 2.44
C SER G 6 50.31 -8.57 3.25
N ALA G 7 51.38 -7.76 3.08
CA ALA G 7 51.57 -6.47 3.79
C ALA G 7 50.46 -5.48 3.42
N VAL G 8 50.17 -5.37 2.11
CA VAL G 8 49.14 -4.48 1.54
C VAL G 8 47.73 -4.93 2.03
N SER G 9 47.49 -6.24 2.05
CA SER G 9 46.24 -6.83 2.50
C SER G 9 46.05 -6.66 4.03
N ASP G 10 47.14 -6.85 4.83
CA ASP G 10 47.14 -6.64 6.28
C ASP G 10 46.86 -5.15 6.64
N LYS G 11 47.46 -4.22 5.90
CA LYS G 11 47.31 -2.77 6.06
C LYS G 11 45.82 -2.36 5.87
N LEU G 12 45.17 -2.86 4.81
CA LEU G 12 43.75 -2.63 4.53
C LEU G 12 42.84 -3.15 5.69
N ARG G 13 43.13 -4.35 6.20
CA ARG G 13 42.36 -4.95 7.29
C ARG G 13 42.47 -4.05 8.53
N TRP G 14 43.71 -3.57 8.82
CA TRP G 14 44.01 -2.64 9.90
C TRP G 14 43.25 -1.29 9.73
N ARG G 15 43.36 -0.66 8.54
CA ARG G 15 42.68 0.60 8.19
C ARG G 15 41.18 0.44 8.33
N LYS G 17 39.50 -1.64 10.41
CA LYS G 17 39.12 -1.68 11.82
C LYS G 17 39.19 -0.33 12.56
N GLU G 18 40.15 0.55 12.17
CA GLU G 18 40.28 1.88 12.76
C GLU G 18 39.14 2.80 12.27
N GLU G 19 38.79 2.70 10.97
CA GLU G 19 37.69 3.46 10.40
C GLU G 19 36.34 3.00 10.97
N ASP G 21 35.84 1.98 13.98
CA ASP G 21 35.78 2.61 15.29
C ASP G 21 35.39 4.09 15.19
N ARG G 22 35.97 4.84 14.23
CA ARG G 22 35.64 6.24 14.01
C ARG G 22 34.18 6.41 13.55
N ALA G 23 33.69 5.49 12.68
CA ALA G 23 32.31 5.52 12.20
C ALA G 23 31.36 5.26 13.38
N GLN G 24 31.73 4.33 14.29
CA GLN G 24 30.92 4.05 15.49
C GLN G 24 30.81 5.29 16.39
N ALA G 25 31.92 6.04 16.60
CA ALA G 25 31.92 7.28 17.38
C ALA G 25 31.01 8.33 16.70
N GLU G 26 31.05 8.47 15.35
CA GLU G 26 30.18 9.38 14.61
C GLU G 26 28.70 8.99 14.76
N LEU G 27 28.40 7.67 14.70
CA LEU G 27 27.05 7.15 14.86
C LEU G 27 26.51 7.34 16.30
N ASN G 28 27.40 7.24 17.31
CA ASN G 28 27.02 7.48 18.72
C ASN G 28 26.60 8.94 18.92
N ALA G 29 27.34 9.89 18.31
CA ALA G 29 27.05 11.32 18.35
C ALA G 29 25.72 11.62 17.59
N LEU G 30 25.46 10.89 16.49
CA LEU G 30 24.24 11.04 15.70
C LEU G 30 23.00 10.53 16.43
N LYS G 31 23.19 9.57 17.36
CA LYS G 31 22.12 9.02 18.18
C LYS G 31 21.59 10.11 19.13
N ARG G 32 22.50 10.94 19.67
CA ARG G 32 22.17 12.07 20.55
C ARG G 32 21.42 13.15 19.74
N THR G 33 21.87 13.39 18.49
CA THR G 33 21.27 14.35 17.56
C THR G 33 19.83 13.93 17.22
N GLU G 34 19.59 12.60 17.03
CA GLU G 34 18.23 12.06 16.79
C GLU G 34 17.34 12.39 18.00
N GLU G 35 17.87 12.21 19.23
CA GLU G 35 17.18 12.46 20.50
C GLU G 35 16.79 13.94 20.62
N ASP G 36 17.70 14.89 20.26
CA ASP G 36 17.39 16.32 20.28
C ASP G 36 16.28 16.66 19.28
N LEU G 37 16.25 15.94 18.14
CA LEU G 37 15.25 16.12 17.08
C LEU G 37 13.85 15.67 17.53
N LYS G 38 13.76 14.48 18.17
CA LYS G 38 12.52 13.91 18.69
C LYS G 38 11.93 14.86 19.73
N LYS G 39 12.75 15.26 20.72
CA LYS G 39 12.44 16.17 21.83
C LYS G 39 11.87 17.51 21.28
N GLY G 40 12.53 18.10 20.29
CA GLY G 40 12.11 19.34 19.67
C GLY G 40 10.74 19.27 19.01
N HIS G 41 10.48 18.16 18.30
CA HIS G 41 9.21 17.88 17.63
C HIS G 41 8.10 17.65 18.66
N GLN G 42 8.43 16.96 19.77
CA GLN G 42 7.50 16.68 20.87
C GLN G 42 7.06 17.98 21.56
N LYS G 43 8.02 18.88 21.84
CA LYS G 43 7.75 20.21 22.42
C LYS G 43 6.83 21.00 21.50
N LEU G 44 7.10 21.00 20.18
CA LEU G 44 6.24 21.70 19.21
C LEU G 44 4.82 21.12 19.15
N GLU G 45 4.70 19.78 19.19
CA GLU G 45 3.40 19.09 19.20
C GLU G 45 2.60 19.41 20.49
N GLU G 46 3.28 19.47 21.65
CA GLU G 46 2.68 19.85 22.93
C GLU G 46 2.16 21.29 22.87
N VAL G 48 1.21 22.92 20.09
CA VAL G 48 0.09 22.85 19.15
C VAL G 48 -1.23 22.41 19.84
N THR G 49 -1.16 21.29 20.57
CA THR G 49 -2.27 20.72 21.35
C THR G 49 -2.79 21.71 22.38
N ARG G 50 -1.89 22.29 23.20
CA ARG G 50 -2.17 23.28 24.24
C ARG G 50 -2.95 24.49 23.68
N LEU G 51 -2.44 25.12 22.60
CA LEU G 51 -3.05 26.27 21.93
C LEU G 51 -4.38 25.94 21.30
N ASP G 52 -4.49 24.76 20.68
CA ASP G 52 -5.73 24.31 20.09
C ASP G 52 -6.83 24.21 21.18
N GLN G 53 -6.47 23.65 22.35
CA GLN G 53 -7.35 23.52 23.52
C GLN G 53 -7.69 24.91 24.09
N GLU G 54 -6.68 25.80 24.17
CA GLU G 54 -6.86 27.16 24.71
C GLU G 54 -7.83 27.97 23.87
N VAL G 55 -7.73 27.86 22.53
CA VAL G 55 -8.66 28.55 21.64
C VAL G 55 -10.10 28.04 21.84
N ALA G 56 -10.29 26.68 21.87
CA ALA G 56 -11.59 26.02 22.11
C ALA G 56 -12.19 26.42 23.45
N GLU G 57 -11.36 26.56 24.49
CA GLU G 57 -11.78 26.95 25.83
C GLU G 57 -12.37 28.36 25.85
N VAL G 58 -11.71 29.32 25.17
CA VAL G 58 -12.14 30.72 25.04
C VAL G 58 -13.44 30.76 24.23
N ASP G 59 -13.51 30.00 23.12
CA ASP G 59 -14.73 29.89 22.32
C ASP G 59 -15.91 29.46 23.21
N LYS G 60 -15.72 28.43 24.07
CA LYS G 60 -16.77 27.94 24.98
C LYS G 60 -17.09 28.99 26.06
N ASN G 61 -16.06 29.66 26.64
CA ASN G 61 -16.27 30.73 27.61
C ASN G 61 -17.22 31.79 27.05
N ILE G 62 -16.92 32.30 25.83
CA ILE G 62 -17.69 33.31 25.11
C ILE G 62 -19.12 32.84 24.89
N GLU G 63 -19.26 31.59 24.40
CA GLU G 63 -20.56 30.96 24.13
C GLU G 63 -21.43 30.91 25.40
N LEU G 64 -20.82 30.57 26.56
CA LEU G 64 -21.52 30.51 27.86
C LEU G 64 -21.93 31.90 28.38
N LEU G 65 -21.05 32.89 28.22
CA LEU G 65 -21.37 34.25 28.65
C LEU G 65 -22.45 34.88 27.76
N LYS G 66 -22.50 34.49 26.47
CA LYS G 66 -23.53 34.94 25.53
C LYS G 66 -24.89 34.38 25.90
N LYS G 67 -24.94 33.09 26.30
CA LYS G 67 -26.14 32.39 26.74
C LYS G 67 -26.67 33.04 28.01
N LYS G 68 -25.76 33.38 28.92
CA LYS G 68 -26.07 34.05 30.19
C LYS G 68 -26.70 35.43 29.97
N ASP G 69 -26.18 36.17 28.97
CA ASP G 69 -26.68 37.49 28.57
C ASP G 69 -28.07 37.42 27.95
N GLU G 70 -28.36 36.31 27.22
CA GLU G 70 -29.68 36.10 26.62
C GLU G 70 -30.73 35.94 27.72
N GLU G 71 -30.35 35.26 28.83
CA GLU G 71 -31.19 35.03 30.01
C GLU G 71 -31.45 36.33 30.77
N LEU G 72 -30.41 37.16 30.86
CA LEU G 72 -30.47 38.48 31.49
C LEU G 72 -31.41 39.39 30.70
N SER G 73 -31.26 39.41 29.35
CA SER G 73 -32.06 40.20 28.43
C SER G 73 -33.55 39.85 28.50
N SER G 74 -33.89 38.59 28.83
CA SER G 74 -35.27 38.16 28.98
C SER G 74 -35.98 38.85 30.17
N ALA G 75 -35.21 39.46 31.09
CA ALA G 75 -35.75 40.19 32.24
C ALA G 75 -35.99 41.69 31.89
N LEU G 76 -35.50 42.16 30.73
CA LEU G 76 -35.70 43.56 30.28
C LEU G 76 -37.14 43.80 29.76
N GLU G 77 -37.57 45.08 29.78
CA GLU G 77 -38.88 45.50 29.28
C GLU G 77 -38.91 45.41 27.77
N LYS G 78 -39.91 44.71 27.21
CA LYS G 78 -40.03 44.51 25.75
C LYS G 78 -41.45 44.71 25.23
N GLY H 1 -20.89 47.95 32.39
CA GLY H 1 -20.65 46.79 31.56
C GLY H 1 -19.70 45.77 32.15
N SER H 2 -19.93 44.49 31.85
CA SER H 2 -19.08 43.39 32.29
C SER H 2 -17.98 43.19 31.22
N SER H 3 -16.72 43.00 31.66
CA SER H 3 -15.57 42.83 30.78
C SER H 3 -14.95 41.42 30.82
N LEU H 4 -15.76 40.39 31.19
CA LEU H 4 -15.27 39.01 31.24
C LEU H 4 -14.84 38.42 29.88
N ILE H 5 -15.65 38.60 28.80
CA ILE H 5 -15.29 38.14 27.44
C ILE H 5 -13.98 38.81 27.01
N SER H 6 -13.84 40.13 27.23
CA SER H 6 -12.63 40.86 26.83
C SER H 6 -11.38 40.41 27.58
N ALA H 7 -11.49 40.16 28.91
CA ALA H 7 -10.38 39.71 29.77
C ALA H 7 -9.86 38.32 29.32
N VAL H 8 -10.79 37.41 29.06
CA VAL H 8 -10.52 36.05 28.59
C VAL H 8 -9.86 36.06 27.19
N SER H 9 -10.35 36.95 26.30
CA SER H 9 -9.84 37.14 24.95
C SER H 9 -8.44 37.78 24.98
N ASP H 10 -8.21 38.78 25.85
CA ASP H 10 -6.90 39.44 26.04
C ASP H 10 -5.84 38.46 26.57
N LYS H 11 -6.24 37.59 27.54
CA LYS H 11 -5.38 36.58 28.16
C LYS H 11 -4.87 35.58 27.11
N LEU H 12 -5.79 35.08 26.24
CA LEU H 12 -5.48 34.16 25.17
C LEU H 12 -4.52 34.79 24.14
N ARG H 13 -4.74 36.07 23.76
CA ARG H 13 -3.90 36.78 22.82
C ARG H 13 -2.48 36.86 23.39
N TRP H 14 -2.36 37.12 24.71
CA TRP H 14 -1.10 37.15 25.45
C TRP H 14 -0.42 35.78 25.42
N ARG H 15 -1.20 34.67 25.63
CA ARG H 15 -0.68 33.30 25.60
C ARG H 15 -0.22 32.91 24.21
N LYS H 17 1.07 34.84 21.88
CA LYS H 17 2.35 35.52 21.71
C LYS H 17 3.47 34.76 22.42
N GLU H 18 3.24 34.33 23.68
CA GLU H 18 4.15 33.55 24.54
C GLU H 18 4.53 32.23 23.87
N GLU H 19 3.53 31.54 23.30
CA GLU H 19 3.72 30.29 22.59
C GLU H 19 4.49 30.46 21.28
N ASP H 21 6.74 32.74 20.70
CA ASP H 21 8.10 33.02 21.15
C ASP H 21 8.83 31.71 21.49
N ARG H 22 8.18 30.82 22.27
CA ARG H 22 8.73 29.51 22.67
C ARG H 22 8.96 28.60 21.46
N ALA H 23 8.02 28.60 20.47
CA ALA H 23 8.12 27.81 19.26
C ALA H 23 9.30 28.28 18.43
N GLN H 24 9.52 29.60 18.36
CA GLN H 24 10.67 30.16 17.63
C GLN H 24 12.00 29.69 18.21
N ALA H 25 12.11 29.71 19.56
CA ALA H 25 13.31 29.24 20.26
C ALA H 25 13.52 27.75 20.00
N GLU H 26 12.43 26.92 20.00
CA GLU H 26 12.53 25.48 19.70
C GLU H 26 12.99 25.25 18.26
N LEU H 27 12.46 26.02 17.31
CA LEU H 27 12.84 25.95 15.90
C LEU H 27 14.29 26.39 15.65
N ASN H 28 14.79 27.40 16.41
CA ASN H 28 16.19 27.83 16.32
C ASN H 28 17.13 26.71 16.75
N ALA H 29 16.79 25.99 17.86
CA ALA H 29 17.54 24.86 18.39
C ALA H 29 17.50 23.68 17.41
N LEU H 30 16.37 23.49 16.70
CA LEU H 30 16.23 22.43 15.71
C LEU H 30 17.09 22.69 14.46
N LYS H 31 17.36 23.96 14.12
CA LYS H 31 18.22 24.35 13.00
C LYS H 31 19.68 23.92 13.26
N ARG H 32 20.14 24.03 14.53
CA ARG H 32 21.49 23.60 14.94
C ARG H 32 21.58 22.06 14.92
N THR H 33 20.46 21.37 15.29
CA THR H 33 20.34 19.92 15.25
C THR H 33 20.41 19.44 13.78
N GLU H 34 19.77 20.15 12.81
CA GLU H 34 19.83 19.81 11.38
C GLU H 34 21.28 19.86 10.90
N GLU H 35 22.00 20.92 11.29
CA GLU H 35 23.40 21.16 10.99
C GLU H 35 24.30 20.05 11.54
N ASP H 36 24.10 19.60 12.79
CA ASP H 36 24.86 18.48 13.38
C ASP H 36 24.64 17.17 12.61
N LEU H 37 23.41 16.99 12.11
CA LEU H 37 22.98 15.82 11.36
C LEU H 37 23.65 15.76 10.00
N LYS H 38 23.69 16.91 9.27
CA LYS H 38 24.31 17.04 7.95
C LYS H 38 25.81 16.72 8.09
N LYS H 39 26.50 17.40 9.05
CA LYS H 39 27.91 17.23 9.39
C LYS H 39 28.28 15.77 9.63
N GLY H 40 27.47 15.08 10.44
CA GLY H 40 27.66 13.66 10.78
C GLY H 40 27.59 12.76 9.56
N HIS H 41 26.60 12.99 8.71
CA HIS H 41 26.39 12.25 7.47
C HIS H 41 27.50 12.53 6.47
N GLN H 42 28.00 13.78 6.42
CA GLN H 42 29.07 14.18 5.54
C GLN H 42 30.38 13.48 5.91
N LYS H 43 30.70 13.44 7.22
CA LYS H 43 31.89 12.73 7.75
C LYS H 43 31.81 11.25 7.40
N LEU H 44 30.63 10.63 7.57
CA LEU H 44 30.42 9.23 7.25
C LEU H 44 30.56 8.96 5.75
N GLU H 45 30.03 9.85 4.89
CA GLU H 45 30.11 9.74 3.43
C GLU H 45 31.57 9.84 2.96
N GLU H 46 32.36 10.78 3.50
CA GLU H 46 33.77 10.85 3.13
C GLU H 46 34.57 9.61 3.57
N VAL H 48 33.27 6.51 3.85
CA VAL H 48 32.77 5.49 2.92
C VAL H 48 33.47 5.56 1.55
N THR H 49 33.54 6.76 0.94
CA THR H 49 34.20 7.01 -0.35
C THR H 49 35.67 6.62 -0.29
N ARG H 50 36.39 7.13 0.73
CA ARG H 50 37.82 6.90 1.01
C ARG H 50 38.11 5.38 1.06
N LEU H 51 37.37 4.64 1.92
CA LEU H 51 37.51 3.18 2.13
C LEU H 51 37.15 2.37 0.91
N ASP H 52 36.11 2.77 0.17
CA ASP H 52 35.73 2.13 -1.07
C ASP H 52 36.89 2.23 -2.08
N GLN H 53 37.50 3.41 -2.16
CA GLN H 53 38.63 3.61 -3.05
C GLN H 53 39.93 2.96 -2.55
N GLU H 54 40.10 2.84 -1.21
CA GLU H 54 41.24 2.14 -0.60
C GLU H 54 41.16 0.65 -0.90
N VAL H 55 39.94 0.05 -0.89
CA VAL H 55 39.78 -1.35 -1.28
C VAL H 55 40.18 -1.54 -2.77
N ALA H 56 39.69 -0.66 -3.69
CA ALA H 56 40.03 -0.68 -5.13
C ALA H 56 41.54 -0.55 -5.37
N GLU H 57 42.21 0.29 -4.59
CA GLU H 57 43.67 0.51 -4.67
C GLU H 57 44.47 -0.77 -4.32
N VAL H 58 44.07 -1.47 -3.25
CA VAL H 58 44.65 -2.73 -2.79
C VAL H 58 44.40 -3.81 -3.87
N ASP H 59 43.14 -3.90 -4.41
CA ASP H 59 42.81 -4.82 -5.50
C ASP H 59 43.79 -4.62 -6.68
N LYS H 60 44.03 -3.35 -7.10
CA LYS H 60 44.98 -3.03 -8.19
C LYS H 60 46.42 -3.39 -7.80
N ASN H 61 46.84 -3.09 -6.55
CA ASN H 61 48.18 -3.43 -6.05
C ASN H 61 48.43 -4.92 -6.17
N ILE H 62 47.47 -5.75 -5.66
CA ILE H 62 47.61 -7.20 -5.74
C ILE H 62 47.67 -7.68 -7.18
N GLU H 63 46.83 -7.14 -8.07
CA GLU H 63 46.83 -7.54 -9.47
C GLU H 63 48.12 -7.17 -10.17
N LEU H 64 48.74 -6.03 -9.79
CA LEU H 64 50.02 -5.60 -10.35
C LEU H 64 51.13 -6.54 -9.89
N LEU H 65 51.03 -7.02 -8.64
CA LEU H 65 52.01 -7.96 -8.09
C LEU H 65 51.82 -9.37 -8.67
N LYS H 66 50.59 -9.76 -9.05
CA LYS H 66 50.38 -11.08 -9.65
C LYS H 66 50.89 -11.10 -11.11
N LYS H 67 50.81 -9.95 -11.83
CA LYS H 67 51.32 -9.85 -13.18
C LYS H 67 52.85 -9.96 -13.16
N LYS H 68 53.48 -9.41 -12.08
CA LYS H 68 54.93 -9.49 -11.86
C LYS H 68 55.35 -10.92 -11.64
N ASP H 69 54.49 -11.70 -10.94
CA ASP H 69 54.74 -13.10 -10.64
C ASP H 69 54.57 -13.97 -11.86
N GLU H 70 53.65 -13.61 -12.78
CA GLU H 70 53.44 -14.33 -14.04
C GLU H 70 54.70 -14.21 -14.90
N GLU H 71 55.33 -13.03 -14.89
CA GLU H 71 56.57 -12.74 -15.62
C GLU H 71 57.74 -13.50 -15.04
N LEU H 72 57.79 -13.59 -13.69
CA LEU H 72 58.80 -14.34 -12.95
C LEU H 72 58.67 -15.82 -13.26
N SER H 73 57.44 -16.36 -13.24
CA SER H 73 57.14 -17.77 -13.48
C SER H 73 57.55 -18.23 -14.87
N SER H 74 57.52 -17.31 -15.85
CA SER H 74 57.94 -17.58 -17.24
C SER H 74 59.44 -17.90 -17.32
N ALA H 75 60.23 -17.53 -16.30
CA ALA H 75 61.68 -17.80 -16.24
C ALA H 75 61.97 -19.17 -15.60
N LEU H 76 60.96 -19.81 -14.96
CA LEU H 76 61.13 -21.15 -14.34
C LEU H 76 61.22 -22.28 -15.39
N GLU H 77 61.88 -23.41 -15.02
CA GLU H 77 62.00 -24.57 -15.90
C GLU H 77 60.66 -25.28 -16.01
N LYS H 78 60.20 -25.54 -17.25
CA LYS H 78 58.89 -26.18 -17.52
C LYS H 78 58.97 -27.25 -18.61
#